data_3FFQ
#
_entry.id   3FFQ
#
_cell.length_a   95.285
_cell.length_b   95.285
_cell.length_c   123.555
_cell.angle_alpha   90.00
_cell.angle_beta   90.00
_cell.angle_gamma   90.00
#
_symmetry.space_group_name_H-M   'I 4'
#
loop_
_entity.id
_entity.type
_entity.pdbx_description
1 polymer 'Potassium/sodium hyperpolarization-activated cyclic nucleotide-gated channel 2'
2 non-polymer 'BROMIDE ION'
3 water water
#
_entity_poly.entity_id   1
_entity_poly.type   'polypeptide(L)'
_entity_poly.pdbx_seq_one_letter_code
;GSAMDSSRRQYQEKYKQVEQYMSFHKLPADFRQKIHDYYEHRYQGKMFDEDSILGELNGPLREEIVNFNCRKLVASMPLF
ANADPNFVTAMLTKLKFEVFQPGDYIIREGTIGKKMYFIQHGVVSVLTKGNKEMKLSDGSYFGEICLLTRGRRTASVRAD
TYCRLYSLSVDNFNEVLEEYPMMRRAFETVAIDRLDRIGKKN
;
_entity_poly.pdbx_strand_id   A,B
#
# COMPACT_ATOMS: atom_id res chain seq x y z
N SER A 7 1.59 17.52 -22.37
CA SER A 7 0.97 16.95 -21.14
C SER A 7 1.52 15.57 -20.81
N ARG A 8 0.99 14.56 -21.49
CA ARG A 8 1.44 13.19 -21.29
C ARG A 8 2.78 13.01 -22.01
N ARG A 9 3.04 13.86 -22.99
CA ARG A 9 4.29 13.81 -23.74
C ARG A 9 5.44 14.23 -22.83
N GLN A 10 5.19 15.25 -22.00
CA GLN A 10 6.19 15.74 -21.06
C GLN A 10 6.61 14.64 -20.09
N TYR A 11 5.64 13.87 -19.62
CA TYR A 11 5.92 12.78 -18.70
C TYR A 11 6.82 11.72 -19.31
N GLN A 12 6.38 11.16 -20.44
CA GLN A 12 7.13 10.11 -21.13
C GLN A 12 8.54 10.54 -21.52
N GLU A 13 8.71 11.80 -21.88
CA GLU A 13 10.02 12.33 -22.24
C GLU A 13 10.89 12.46 -20.99
N LYS A 14 10.29 12.97 -19.92
CA LYS A 14 11.00 13.14 -18.66
C LYS A 14 11.43 11.78 -18.10
N TYR A 15 10.57 10.77 -18.23
CA TYR A 15 10.91 9.46 -17.72
C TYR A 15 11.94 8.72 -18.58
N LYS A 16 11.99 9.03 -19.87
CA LYS A 16 12.97 8.42 -20.75
C LYS A 16 14.35 8.90 -20.30
N GLN A 17 14.44 10.17 -19.95
CA GLN A 17 15.69 10.75 -19.46
C GLN A 17 16.07 10.06 -18.16
N VAL A 18 15.06 9.76 -17.34
CA VAL A 18 15.27 9.08 -16.08
C VAL A 18 15.78 7.67 -16.32
N GLU A 19 15.23 7.01 -17.34
CA GLU A 19 15.66 5.67 -17.71
C GLU A 19 17.12 5.68 -18.16
N GLN A 20 17.48 6.68 -18.95
CA GLN A 20 18.85 6.83 -19.44
C GLN A 20 19.80 7.13 -18.29
N TYR A 21 19.34 7.94 -17.34
CA TYR A 21 20.13 8.28 -16.17
C TYR A 21 20.45 7.01 -15.36
N MET A 22 19.41 6.24 -15.08
CA MET A 22 19.56 5.01 -14.30
C MET A 22 20.45 4.01 -15.02
N SER A 23 20.32 3.94 -16.33
CA SER A 23 21.12 3.04 -17.14
C SER A 23 22.58 3.52 -17.19
N PHE A 24 22.76 4.83 -17.30
CA PHE A 24 24.10 5.40 -17.34
C PHE A 24 24.86 5.10 -16.05
N HIS A 25 24.15 5.11 -14.92
CA HIS A 25 24.77 4.82 -13.64
C HIS A 25 24.64 3.35 -13.24
N LYS A 26 24.30 2.52 -14.21
CA LYS A 26 24.18 1.08 -14.00
C LYS A 26 23.48 0.70 -12.69
N LEU A 27 22.31 1.28 -12.45
CA LEU A 27 21.56 0.94 -11.24
C LEU A 27 20.97 -0.46 -11.41
N PRO A 28 20.75 -1.17 -10.28
CA PRO A 28 20.21 -2.52 -10.39
C PRO A 28 18.77 -2.54 -10.88
N ALA A 29 18.37 -3.67 -11.46
CA ALA A 29 17.02 -3.84 -12.00
C ALA A 29 15.90 -3.49 -11.02
N ASP A 30 15.90 -4.16 -9.87
CA ASP A 30 14.88 -3.93 -8.85
C ASP A 30 14.81 -2.46 -8.43
N PHE A 31 15.94 -1.78 -8.50
CA PHE A 31 16.03 -0.38 -8.12
C PHE A 31 15.32 0.47 -9.18
N ARG A 32 15.52 0.10 -10.45
CA ARG A 32 14.91 0.81 -11.56
C ARG A 32 13.41 0.59 -11.54
N GLN A 33 12.99 -0.56 -11.01
CA GLN A 33 11.58 -0.88 -10.90
C GLN A 33 10.93 -0.04 -9.80
N LYS A 34 11.69 0.20 -8.74
CA LYS A 34 11.19 1.00 -7.63
C LYS A 34 11.00 2.44 -8.08
N ILE A 35 11.95 2.92 -8.88
CA ILE A 35 11.90 4.29 -9.42
C ILE A 35 10.71 4.42 -10.35
N HIS A 36 10.52 3.43 -11.20
CA HIS A 36 9.40 3.38 -12.14
C HIS A 36 8.06 3.49 -11.41
N ASP A 37 7.88 2.67 -10.38
CA ASP A 37 6.64 2.69 -9.61
C ASP A 37 6.40 4.05 -8.96
N TYR A 38 7.48 4.68 -8.50
CA TYR A 38 7.39 6.00 -7.88
C TYR A 38 6.79 7.04 -8.82
N TYR A 39 7.32 7.10 -10.04
CA TYR A 39 6.83 8.04 -11.05
C TYR A 39 5.35 7.86 -11.36
N GLU A 40 4.91 6.61 -11.49
CA GLU A 40 3.53 6.32 -11.81
C GLU A 40 2.60 6.73 -10.65
N HIS A 41 3.02 6.43 -9.43
CA HIS A 41 2.24 6.79 -8.24
C HIS A 41 2.22 8.29 -7.99
N ARG A 42 3.38 8.92 -8.16
CA ARG A 42 3.54 10.34 -7.92
C ARG A 42 2.97 11.26 -9.00
N TYR A 43 3.31 11.00 -10.26
CA TYR A 43 2.87 11.86 -11.35
C TYR A 43 1.66 11.37 -12.14
N GLN A 44 1.38 10.07 -12.07
CA GLN A 44 0.23 9.47 -12.75
C GLN A 44 0.18 9.69 -14.25
N GLY A 45 1.30 9.45 -14.93
CA GLY A 45 1.36 9.55 -16.38
C GLY A 45 1.31 10.94 -16.99
N LYS A 46 1.09 11.96 -16.17
CA LYS A 46 1.04 13.34 -16.66
C LYS A 46 2.01 14.20 -15.85
N MET A 47 2.60 15.21 -16.49
CA MET A 47 3.56 16.04 -15.78
C MET A 47 3.42 17.51 -16.17
N PHE A 48 3.37 18.38 -15.15
CA PHE A 48 3.20 19.81 -15.37
C PHE A 48 4.25 20.63 -14.63
N ASP A 49 4.61 21.77 -15.20
CA ASP A 49 5.53 22.70 -14.56
C ASP A 49 4.60 23.56 -13.69
N GLU A 50 4.13 22.97 -12.59
CA GLU A 50 3.17 23.65 -11.72
C GLU A 50 3.65 25.01 -11.22
N ASP A 51 4.83 25.04 -10.62
CA ASP A 51 5.38 26.30 -10.11
C ASP A 51 5.32 27.37 -11.19
N SER A 52 5.46 26.94 -12.43
CA SER A 52 5.43 27.84 -13.59
C SER A 52 4.01 28.28 -13.93
N ILE A 53 3.08 27.34 -13.92
CA ILE A 53 1.68 27.64 -14.20
C ILE A 53 1.10 28.53 -13.11
N LEU A 54 1.41 28.20 -11.86
CA LEU A 54 0.91 28.96 -10.72
C LEU A 54 1.51 30.36 -10.64
N GLY A 55 2.74 30.50 -11.14
CA GLY A 55 3.42 31.80 -11.14
C GLY A 55 2.79 32.76 -12.13
N GLU A 56 2.02 32.21 -13.07
CA GLU A 56 1.34 33.02 -14.08
C GLU A 56 0.03 33.58 -13.55
N LEU A 57 -0.50 32.93 -12.51
CA LEU A 57 -1.77 33.33 -11.91
C LEU A 57 -1.54 34.40 -10.85
N ASN A 58 -2.60 34.80 -10.17
CA ASN A 58 -2.50 35.79 -9.11
C ASN A 58 -2.73 35.15 -7.75
N GLY A 59 -2.64 35.94 -6.68
CA GLY A 59 -2.85 35.44 -5.33
C GLY A 59 -4.12 34.63 -5.17
N PRO A 60 -5.27 35.28 -5.42
CA PRO A 60 -6.60 34.67 -5.30
C PRO A 60 -6.74 33.35 -6.07
N LEU A 61 -6.38 33.35 -7.34
CA LEU A 61 -6.47 32.14 -8.14
C LEU A 61 -5.64 31.01 -7.54
N ARG A 62 -4.39 31.29 -7.20
CA ARG A 62 -3.52 30.30 -6.58
C ARG A 62 -4.12 29.74 -5.28
N GLU A 63 -4.71 30.62 -4.50
CA GLU A 63 -5.31 30.24 -3.23
C GLU A 63 -6.57 29.39 -3.42
N GLU A 64 -7.32 29.69 -4.46
CA GLU A 64 -8.51 28.93 -4.81
C GLU A 64 -8.14 27.52 -5.23
N ILE A 65 -7.12 27.42 -6.09
CA ILE A 65 -6.65 26.13 -6.59
C ILE A 65 -6.14 25.22 -5.48
N VAL A 66 -5.36 25.78 -4.55
CA VAL A 66 -4.82 24.98 -3.46
C VAL A 66 -5.95 24.50 -2.55
N ASN A 67 -6.89 25.38 -2.25
CA ASN A 67 -8.04 25.00 -1.42
C ASN A 67 -8.88 23.91 -2.07
N PHE A 68 -9.00 23.94 -3.39
CA PHE A 68 -9.77 22.92 -4.09
C PHE A 68 -8.99 21.60 -4.18
N ASN A 69 -7.75 21.66 -4.64
CA ASN A 69 -6.92 20.47 -4.75
C ASN A 69 -6.78 19.73 -3.41
N CYS A 70 -6.74 20.49 -2.32
CA CYS A 70 -6.59 19.90 -0.99
C CYS A 70 -7.90 19.78 -0.23
N ARG A 71 -9.02 19.93 -0.94
CA ARG A 71 -10.34 19.83 -0.32
C ARG A 71 -10.48 18.56 0.52
N LYS A 72 -10.05 17.43 -0.05
CA LYS A 72 -10.14 16.15 0.65
C LYS A 72 -9.26 16.09 1.88
N LEU A 73 -8.05 16.62 1.75
CA LEU A 73 -7.09 16.63 2.85
C LEU A 73 -7.56 17.50 4.00
N VAL A 74 -8.14 18.66 3.68
CA VAL A 74 -8.63 19.59 4.69
C VAL A 74 -9.79 18.97 5.48
N ALA A 75 -10.60 18.16 4.80
CA ALA A 75 -11.74 17.51 5.42
C ALA A 75 -11.36 16.42 6.42
N SER A 76 -10.26 15.73 6.16
CA SER A 76 -9.80 14.66 7.02
C SER A 76 -9.09 15.18 8.27
N MET A 77 -8.52 16.38 8.17
CA MET A 77 -7.77 16.97 9.27
C MET A 77 -8.60 17.70 10.31
N PRO A 78 -8.49 17.24 11.58
CA PRO A 78 -9.16 17.89 12.71
C PRO A 78 -8.45 19.21 12.97
N LEU A 79 -7.17 19.27 12.60
CA LEU A 79 -6.38 20.48 12.75
C LEU A 79 -7.19 21.66 12.22
N PHE A 80 -7.88 21.44 11.11
CA PHE A 80 -8.73 22.48 10.54
C PHE A 80 -10.17 22.26 10.98
N ALA A 81 -10.36 21.45 12.02
CA ALA A 81 -11.68 21.16 12.57
C ALA A 81 -12.61 22.34 12.38
N ASN A 82 -12.43 23.37 13.21
CA ASN A 82 -13.23 24.59 13.12
C ASN A 82 -12.31 25.79 13.02
N ALA A 83 -11.25 25.65 12.23
CA ALA A 83 -10.26 26.71 12.08
C ALA A 83 -10.64 27.84 11.14
N ASP A 84 -9.93 28.95 11.27
CA ASP A 84 -10.13 30.13 10.44
C ASP A 84 -9.74 29.76 9.01
N PRO A 85 -10.65 30.00 8.05
CA PRO A 85 -10.40 29.68 6.64
C PRO A 85 -9.09 30.25 6.13
N ASN A 86 -8.70 31.40 6.65
CA ASN A 86 -7.45 32.03 6.24
C ASN A 86 -6.24 31.31 6.82
N PHE A 87 -6.42 30.69 7.98
CA PHE A 87 -5.36 29.90 8.57
C PHE A 87 -5.15 28.68 7.70
N VAL A 88 -6.26 28.11 7.24
CA VAL A 88 -6.23 26.94 6.37
C VAL A 88 -5.44 27.29 5.11
N THR A 89 -5.78 28.42 4.48
CA THR A 89 -5.10 28.86 3.28
C THR A 89 -3.62 29.13 3.52
N ALA A 90 -3.31 29.80 4.62
CA ALA A 90 -1.91 30.09 4.96
C ALA A 90 -1.11 28.79 5.06
N MET A 91 -1.74 27.75 5.58
CA MET A 91 -1.10 26.44 5.71
C MET A 91 -0.94 25.74 4.37
N LEU A 92 -2.05 25.59 3.64
CA LEU A 92 -2.05 24.94 2.35
C LEU A 92 -1.05 25.48 1.33
N THR A 93 -1.04 26.80 1.14
CA THR A 93 -0.14 27.42 0.17
C THR A 93 1.33 27.14 0.43
N LYS A 94 1.67 26.76 1.65
CA LYS A 94 3.06 26.49 2.00
C LYS A 94 3.42 25.01 2.03
N LEU A 95 2.42 24.14 1.84
CA LEU A 95 2.64 22.69 1.85
C LEU A 95 3.25 22.17 0.56
N LYS A 96 4.09 21.14 0.69
CA LYS A 96 4.74 20.52 -0.46
C LYS A 96 4.30 19.07 -0.56
N PHE A 97 3.70 18.72 -1.70
CA PHE A 97 3.20 17.37 -1.92
C PHE A 97 4.33 16.36 -2.15
N GLU A 98 4.29 15.27 -1.40
CA GLU A 98 5.30 14.22 -1.51
C GLU A 98 4.66 12.83 -1.44
N VAL A 99 5.24 11.89 -2.17
CA VAL A 99 4.77 10.51 -2.17
C VAL A 99 5.86 9.57 -1.63
N PHE A 100 5.50 8.74 -0.67
CA PHE A 100 6.46 7.79 -0.09
C PHE A 100 6.08 6.34 -0.37
N GLN A 101 7.09 5.49 -0.47
CA GLN A 101 6.91 4.07 -0.74
C GLN A 101 7.02 3.23 0.53
N PRO A 102 6.42 2.02 0.52
CA PRO A 102 6.45 1.12 1.66
C PRO A 102 7.88 0.80 2.09
N GLY A 103 8.18 1.01 3.37
CA GLY A 103 9.51 0.74 3.89
C GLY A 103 10.37 1.98 4.01
N ASP A 104 10.03 3.02 3.25
CA ASP A 104 10.77 4.28 3.27
C ASP A 104 10.86 4.91 4.66
N TYR A 105 12.03 5.46 4.97
CA TYR A 105 12.22 6.18 6.21
C TYR A 105 11.93 7.66 5.97
N ILE A 106 10.74 8.09 6.39
CA ILE A 106 10.32 9.47 6.24
C ILE A 106 11.13 10.32 7.21
N ILE A 107 11.24 9.83 8.45
CA ILE A 107 11.98 10.51 9.51
C ILE A 107 12.88 9.51 10.24
N ARG A 108 14.07 9.95 10.61
CA ARG A 108 15.00 9.10 11.35
C ARG A 108 15.29 9.70 12.73
N GLU A 109 15.09 8.89 13.76
CA GLU A 109 15.30 9.32 15.14
C GLU A 109 16.71 9.84 15.40
N GLY A 110 16.81 10.90 16.20
CA GLY A 110 18.10 11.47 16.57
C GLY A 110 18.68 12.46 15.58
N THR A 111 18.03 12.61 14.43
CA THR A 111 18.49 13.54 13.40
C THR A 111 17.85 14.92 13.59
N ILE A 112 18.42 15.92 12.93
CA ILE A 112 17.87 17.27 13.00
C ILE A 112 16.66 17.32 12.08
N GLY A 113 15.52 17.74 12.62
CA GLY A 113 14.29 17.81 11.84
C GLY A 113 14.09 19.19 11.25
N LYS A 114 13.75 19.25 9.96
CA LYS A 114 13.57 20.52 9.29
C LYS A 114 12.18 20.63 8.65
N LYS A 115 11.31 19.68 8.96
CA LYS A 115 9.97 19.65 8.37
C LYS A 115 9.05 18.65 9.07
N MET A 116 7.75 18.89 8.98
CA MET A 116 6.76 17.97 9.54
C MET A 116 5.90 17.46 8.40
N TYR A 117 5.03 16.50 8.68
CA TYR A 117 4.20 15.90 7.63
C TYR A 117 2.72 15.77 7.96
N PHE A 118 1.89 16.00 6.95
CA PHE A 118 0.45 15.87 7.07
C PHE A 118 0.02 14.71 6.17
N ILE A 119 -0.72 13.76 6.72
CA ILE A 119 -1.13 12.59 5.97
C ILE A 119 -2.44 12.78 5.20
N GLN A 120 -2.36 12.64 3.89
CA GLN A 120 -3.53 12.75 3.02
C GLN A 120 -4.12 11.36 2.85
N HIS A 121 -3.26 10.38 2.60
CA HIS A 121 -3.69 8.99 2.45
C HIS A 121 -2.51 8.03 2.57
N GLY A 122 -2.61 7.08 3.49
CA GLY A 122 -1.55 6.10 3.72
C GLY A 122 -1.36 5.83 5.21
N VAL A 123 -0.48 4.89 5.53
CA VAL A 123 -0.21 4.53 6.92
C VAL A 123 1.27 4.55 7.24
N VAL A 124 1.62 5.19 8.36
CA VAL A 124 3.01 5.26 8.80
C VAL A 124 3.18 4.64 10.18
N SER A 125 4.39 4.14 10.46
CA SER A 125 4.69 3.57 11.76
C SER A 125 5.65 4.50 12.51
N VAL A 126 5.25 4.92 13.70
CA VAL A 126 6.08 5.79 14.52
C VAL A 126 6.84 4.91 15.52
N LEU A 127 8.15 4.85 15.38
CA LEU A 127 8.98 4.01 16.23
C LEU A 127 10.01 4.79 17.05
N THR A 128 9.92 4.67 18.36
CA THR A 128 10.85 5.35 19.26
C THR A 128 11.49 4.35 20.22
N ASN A 131 10.97 1.49 22.82
CA ASN A 131 9.52 1.58 22.86
C ASN A 131 8.88 0.77 21.73
N LYS A 132 7.56 0.66 21.77
CA LYS A 132 6.81 -0.10 20.77
C LYS A 132 6.36 0.80 19.62
N GLU A 133 5.92 0.17 18.52
CA GLU A 133 5.48 0.90 17.34
C GLU A 133 4.08 1.51 17.48
N MET A 134 3.77 2.47 16.61
CA MET A 134 2.47 3.10 16.58
C MET A 134 2.08 3.50 15.16
N LYS A 135 0.79 3.39 14.86
CA LYS A 135 0.29 3.71 13.53
C LYS A 135 -0.47 5.04 13.46
N LEU A 136 -0.28 5.75 12.37
CA LEU A 136 -0.95 7.03 12.11
C LEU A 136 -1.42 6.99 10.66
N SER A 137 -2.63 7.48 10.40
CA SER A 137 -3.17 7.47 9.05
C SER A 137 -3.78 8.81 8.63
N ASP A 138 -4.60 8.77 7.59
CA ASP A 138 -5.26 9.94 7.05
C ASP A 138 -5.69 10.94 8.12
N GLY A 139 -5.49 12.22 7.86
CA GLY A 139 -5.90 13.27 8.78
C GLY A 139 -4.88 13.69 9.81
N SER A 140 -4.12 12.73 10.32
CA SER A 140 -3.11 13.02 11.33
C SER A 140 -1.80 13.58 10.76
N TYR A 141 -1.01 14.20 11.63
CA TYR A 141 0.29 14.74 11.24
C TYR A 141 1.37 14.25 12.19
N PHE A 142 2.62 14.39 11.78
CA PHE A 142 3.74 13.95 12.62
C PHE A 142 5.00 14.73 12.31
N GLY A 143 5.96 14.69 13.24
CA GLY A 143 7.22 15.38 13.08
C GLY A 143 7.16 16.83 13.53
N GLU A 144 6.15 17.17 14.32
CA GLU A 144 5.97 18.54 14.79
C GLU A 144 6.78 18.87 16.04
N ILE A 145 7.10 17.84 16.83
CA ILE A 145 7.81 18.03 18.09
C ILE A 145 9.10 18.84 17.95
N CYS A 146 10.04 18.34 17.17
CA CYS A 146 11.31 19.05 17.00
C CYS A 146 11.09 20.45 16.42
N LEU A 147 9.98 20.62 15.71
CA LEU A 147 9.64 21.94 15.17
C LEU A 147 9.24 22.93 16.26
N LEU A 148 8.68 22.42 17.34
CA LEU A 148 8.26 23.25 18.47
C LEU A 148 9.39 23.43 19.49
N THR A 149 10.13 22.36 19.73
CA THR A 149 11.20 22.37 20.73
C THR A 149 12.59 22.60 20.14
N ARG A 150 12.73 22.40 18.84
CA ARG A 150 14.01 22.58 18.16
C ARG A 150 15.04 21.53 18.55
N GLY A 151 14.56 20.42 19.12
CA GLY A 151 15.46 19.32 19.50
C GLY A 151 15.61 18.35 18.35
N ARG A 152 16.01 17.12 18.66
CA ARG A 152 16.17 16.09 17.63
C ARG A 152 14.89 15.28 17.45
N ARG A 153 14.79 14.57 16.33
CA ARG A 153 13.62 13.73 16.05
C ARG A 153 13.42 12.79 17.23
N THR A 154 12.22 12.81 17.82
CA THR A 154 11.91 11.96 18.96
C THR A 154 11.53 10.54 18.56
N ALA A 155 11.61 10.26 17.26
CA ALA A 155 11.26 8.93 16.76
C ALA A 155 11.47 8.79 15.26
N SER A 156 11.52 7.55 14.78
CA SER A 156 11.66 7.26 13.36
C SER A 156 10.27 7.00 12.81
N VAL A 157 10.05 7.34 11.55
CA VAL A 157 8.76 7.09 10.91
C VAL A 157 8.98 6.40 9.58
N ARG A 158 8.77 5.08 9.56
CA ARG A 158 8.93 4.29 8.35
C ARG A 158 7.56 4.24 7.66
N ALA A 159 7.56 4.34 6.33
CA ALA A 159 6.31 4.27 5.58
C ALA A 159 5.83 2.82 5.53
N ASP A 160 4.58 2.59 5.92
CA ASP A 160 4.01 1.25 5.92
C ASP A 160 3.39 0.92 4.57
N THR A 161 2.63 1.86 4.02
CA THR A 161 2.00 1.68 2.72
C THR A 161 2.36 2.89 1.87
N TYR A 162 1.94 2.89 0.61
CA TYR A 162 2.16 4.09 -0.20
C TYR A 162 1.53 5.25 0.55
N CYS A 163 2.34 6.28 0.80
CA CYS A 163 1.89 7.44 1.54
C CYS A 163 1.88 8.70 0.68
N ARG A 164 0.73 9.36 0.61
CA ARG A 164 0.61 10.62 -0.09
C ARG A 164 0.60 11.66 1.02
N LEU A 165 1.73 12.35 1.19
CA LEU A 165 1.88 13.31 2.27
C LEU A 165 2.18 14.73 1.80
N TYR A 166 1.90 15.69 2.69
CA TYR A 166 2.19 17.09 2.45
C TYR A 166 3.13 17.56 3.56
N SER A 167 4.33 17.97 3.19
CA SER A 167 5.30 18.42 4.17
C SER A 167 5.27 19.93 4.37
N LEU A 168 5.79 20.36 5.52
CA LEU A 168 5.85 21.77 5.88
C LEU A 168 7.21 22.00 6.52
N SER A 169 7.98 22.93 5.98
CA SER A 169 9.30 23.25 6.51
C SER A 169 9.18 23.97 7.84
N VAL A 170 10.27 24.00 8.60
CA VAL A 170 10.28 24.67 9.90
C VAL A 170 10.07 26.17 9.70
N ASP A 171 10.71 26.74 8.69
CA ASP A 171 10.55 28.15 8.39
C ASP A 171 9.09 28.50 8.11
N ASN A 172 8.46 27.76 7.19
CA ASN A 172 7.06 27.98 6.86
C ASN A 172 6.15 27.71 8.06
N PHE A 173 6.53 26.73 8.86
CA PHE A 173 5.79 26.39 10.07
C PHE A 173 5.76 27.63 10.97
N ASN A 174 6.93 28.19 11.22
CA ASN A 174 7.05 29.39 12.05
C ASN A 174 6.41 30.64 11.46
N GLU A 175 6.54 30.80 10.15
CA GLU A 175 5.95 31.95 9.46
C GLU A 175 4.44 31.94 9.59
N VAL A 176 3.85 30.75 9.54
CA VAL A 176 2.40 30.61 9.67
C VAL A 176 1.97 30.85 11.11
N LEU A 177 2.80 30.44 12.06
CA LEU A 177 2.50 30.66 13.48
C LEU A 177 2.79 32.09 13.91
N GLU A 178 3.47 32.85 13.06
CA GLU A 178 3.74 34.24 13.35
C GLU A 178 2.47 35.02 13.01
N GLU A 179 1.72 34.52 12.04
CA GLU A 179 0.49 35.17 11.61
C GLU A 179 -0.74 34.63 12.36
N TYR A 180 -0.62 33.40 12.87
CA TYR A 180 -1.68 32.77 13.64
C TYR A 180 -1.09 32.10 14.87
N PRO A 181 -0.61 32.92 15.81
CA PRO A 181 0.09 32.53 17.03
C PRO A 181 -0.64 31.54 17.93
N MET A 182 -1.95 31.69 18.08
CA MET A 182 -2.72 30.82 18.95
C MET A 182 -2.99 29.43 18.39
N MET A 183 -2.77 29.27 17.08
CA MET A 183 -2.94 27.98 16.45
C MET A 183 -1.76 27.08 16.80
N ARG A 184 -0.81 27.65 17.53
CA ARG A 184 0.37 26.92 17.96
C ARG A 184 -0.01 25.90 19.02
N ARG A 185 -1.01 26.23 19.83
CA ARG A 185 -1.44 25.33 20.89
C ARG A 185 -1.93 23.99 20.35
N ALA A 186 -2.59 24.02 19.20
CA ALA A 186 -3.10 22.79 18.58
C ALA A 186 -1.96 21.79 18.38
N PHE A 187 -0.84 22.28 17.87
CA PHE A 187 0.33 21.43 17.64
C PHE A 187 0.96 20.97 18.94
N GLU A 188 0.94 21.84 19.95
CA GLU A 188 1.51 21.54 21.25
C GLU A 188 0.78 20.44 22.01
N THR A 189 -0.56 20.49 22.02
CA THR A 189 -1.33 19.47 22.72
C THR A 189 -1.14 18.09 22.11
N VAL A 190 -0.97 18.03 20.80
CA VAL A 190 -0.73 16.77 20.11
C VAL A 190 0.61 16.19 20.54
N ALA A 191 1.59 17.07 20.74
CA ALA A 191 2.93 16.66 21.13
C ALA A 191 3.18 16.59 22.63
N ILE A 192 2.33 17.26 23.41
CA ILE A 192 2.49 17.28 24.86
C ILE A 192 2.03 15.97 25.50
N ASP B 5 -2.64 -14.37 23.74
CA ASP B 5 -1.69 -14.87 24.78
C ASP B 5 -0.59 -15.74 24.19
N SER B 6 -0.86 -17.03 24.08
CA SER B 6 0.11 -17.97 23.52
C SER B 6 0.32 -17.74 22.03
N SER B 7 -0.65 -17.09 21.39
CA SER B 7 -0.56 -16.82 19.95
C SER B 7 0.45 -15.71 19.67
N ARG B 8 0.45 -14.67 20.48
CA ARG B 8 1.41 -13.58 20.30
C ARG B 8 2.80 -14.13 20.60
N ARG B 9 2.86 -15.09 21.52
CA ARG B 9 4.12 -15.72 21.90
C ARG B 9 4.66 -16.54 20.72
N GLN B 10 3.79 -17.32 20.10
CA GLN B 10 4.20 -18.13 18.95
C GLN B 10 4.74 -17.27 17.81
N TYR B 11 4.14 -16.09 17.62
CA TYR B 11 4.58 -15.18 16.58
C TYR B 11 5.98 -14.63 16.89
N GLN B 12 6.13 -14.06 18.08
CA GLN B 12 7.40 -13.48 18.52
C GLN B 12 8.54 -14.50 18.44
N GLU B 13 8.25 -15.73 18.84
CA GLU B 13 9.24 -16.80 18.82
C GLU B 13 9.56 -17.23 17.40
N LYS B 14 8.55 -17.29 16.55
CA LYS B 14 8.73 -17.67 15.15
C LYS B 14 9.54 -16.63 14.40
N TYR B 15 9.37 -15.35 14.75
CA TYR B 15 10.10 -14.30 14.07
C TYR B 15 11.56 -14.20 14.53
N LYS B 16 11.83 -14.54 15.78
CA LYS B 16 13.19 -14.53 16.29
C LYS B 16 13.99 -15.55 15.47
N GLN B 17 13.35 -16.68 15.20
CA GLN B 17 13.97 -17.73 14.39
C GLN B 17 14.25 -17.20 12.99
N VAL B 18 13.34 -16.36 12.49
CA VAL B 18 13.50 -15.77 11.17
C VAL B 18 14.64 -14.76 11.17
N GLU B 19 14.76 -13.99 12.24
CA GLU B 19 15.84 -13.01 12.36
C GLU B 19 17.19 -13.73 12.41
N GLN B 20 17.24 -14.82 13.17
CA GLN B 20 18.46 -15.60 13.30
C GLN B 20 18.82 -16.29 11.98
N TYR B 21 17.80 -16.58 11.18
CA TYR B 21 18.01 -17.20 9.87
C TYR B 21 18.62 -16.17 8.92
N MET B 22 18.03 -14.98 8.90
CA MET B 22 18.49 -13.90 8.03
C MET B 22 19.88 -13.42 8.44
N SER B 23 20.17 -13.53 9.74
CA SER B 23 21.45 -13.12 10.28
C SER B 23 22.52 -14.15 9.89
N PHE B 24 22.17 -15.42 10.02
CA PHE B 24 23.06 -16.52 9.67
C PHE B 24 23.41 -16.49 8.18
N HIS B 25 22.51 -15.96 7.37
CA HIS B 25 22.72 -15.88 5.93
C HIS B 25 23.17 -14.52 5.42
N LYS B 26 23.43 -13.60 6.34
CA LYS B 26 23.93 -12.28 5.98
C LYS B 26 23.02 -11.49 5.05
N LEU B 27 21.71 -11.71 5.14
CA LEU B 27 20.78 -10.98 4.29
C LEU B 27 20.95 -9.49 4.56
N PRO B 28 21.09 -8.69 3.49
CA PRO B 28 21.29 -7.25 3.68
C PRO B 28 20.18 -6.63 4.53
N ALA B 29 20.50 -5.52 5.20
CA ALA B 29 19.54 -4.83 6.06
C ALA B 29 18.23 -4.55 5.34
N ASP B 30 18.32 -4.01 4.13
CA ASP B 30 17.14 -3.67 3.34
C ASP B 30 16.23 -4.87 3.09
N PHE B 31 16.82 -6.06 3.03
CA PHE B 31 16.05 -7.26 2.77
C PHE B 31 15.43 -7.83 4.05
N ARG B 32 16.05 -7.57 5.18
CA ARG B 32 15.52 -8.03 6.46
C ARG B 32 14.31 -7.18 6.83
N GLN B 33 14.33 -5.92 6.40
CA GLN B 33 13.23 -5.01 6.65
C GLN B 33 12.02 -5.38 5.81
N LYS B 34 12.27 -5.91 4.61
CA LYS B 34 11.20 -6.32 3.71
C LYS B 34 10.48 -7.53 4.30
N ILE B 35 11.26 -8.47 4.84
CA ILE B 35 10.70 -9.68 5.45
C ILE B 35 9.90 -9.32 6.71
N HIS B 36 10.46 -8.43 7.52
CA HIS B 36 9.82 -7.96 8.73
C HIS B 36 8.41 -7.40 8.45
N ASP B 37 8.32 -6.54 7.45
CA ASP B 37 7.05 -5.93 7.07
C ASP B 37 6.06 -7.01 6.61
N TYR B 38 6.55 -7.94 5.79
CA TYR B 38 5.71 -9.04 5.32
C TYR B 38 5.03 -9.73 6.49
N TYR B 39 5.82 -10.08 7.50
CA TYR B 39 5.29 -10.72 8.70
C TYR B 39 4.18 -9.94 9.39
N GLU B 40 4.37 -8.64 9.56
CA GLU B 40 3.35 -7.81 10.19
C GLU B 40 2.04 -7.80 9.40
N HIS B 41 2.14 -7.53 8.11
CA HIS B 41 0.97 -7.51 7.24
C HIS B 41 0.31 -8.87 7.14
N ARG B 42 1.12 -9.91 6.99
CA ARG B 42 0.63 -11.27 6.83
C ARG B 42 0.08 -11.91 8.11
N TYR B 43 0.81 -11.80 9.21
CA TYR B 43 0.38 -12.43 10.45
C TYR B 43 -0.25 -11.51 11.50
N GLN B 44 0.13 -10.24 11.49
CA GLN B 44 -0.44 -9.26 12.39
C GLN B 44 -0.23 -9.55 13.88
N GLY B 45 1.01 -9.88 14.24
CA GLY B 45 1.36 -10.13 15.63
C GLY B 45 0.97 -11.48 16.22
N LYS B 46 0.06 -12.19 15.56
CA LYS B 46 -0.40 -13.48 16.04
C LYS B 46 -0.13 -14.57 15.02
N MET B 47 0.01 -15.81 15.49
CA MET B 47 0.30 -16.92 14.59
C MET B 47 -0.30 -18.22 15.14
N PHE B 48 -1.04 -18.94 14.31
CA PHE B 48 -1.69 -20.18 14.72
C PHE B 48 -1.34 -21.34 13.81
N ASP B 49 -1.33 -22.55 14.36
CA ASP B 49 -1.13 -23.75 13.57
C ASP B 49 -2.53 -24.06 13.05
N GLU B 50 -2.94 -23.30 12.05
CA GLU B 50 -4.28 -23.39 11.48
C GLU B 50 -4.71 -24.75 10.94
N ASP B 51 -3.94 -25.30 10.01
CA ASP B 51 -4.26 -26.61 9.47
C ASP B 51 -4.58 -27.55 10.63
N SER B 52 -3.83 -27.36 11.72
CA SER B 52 -3.97 -28.17 12.92
C SER B 52 -5.30 -27.93 13.63
N ILE B 53 -5.67 -26.67 13.78
CA ILE B 53 -6.94 -26.32 14.43
C ILE B 53 -8.10 -26.82 13.58
N LEU B 54 -8.06 -26.51 12.29
CA LEU B 54 -9.11 -26.93 11.36
C LEU B 54 -9.22 -28.45 11.26
N GLY B 55 -8.09 -29.14 11.37
CA GLY B 55 -8.07 -30.60 11.29
C GLY B 55 -8.70 -31.25 12.52
N GLU B 56 -8.88 -30.47 13.57
CA GLU B 56 -9.49 -30.97 14.80
C GLU B 56 -11.00 -30.87 14.72
N LEU B 57 -11.47 -30.03 13.79
CA LEU B 57 -12.90 -29.81 13.60
C LEU B 57 -13.47 -30.82 12.63
N ASN B 58 -14.70 -30.58 12.18
CA ASN B 58 -15.36 -31.45 11.21
C ASN B 58 -15.63 -30.66 9.94
N GLY B 59 -16.28 -31.30 8.96
CA GLY B 59 -16.60 -30.64 7.71
C GLY B 59 -17.43 -29.38 7.91
N PRO B 60 -18.63 -29.53 8.48
CA PRO B 60 -19.55 -28.43 8.74
C PRO B 60 -18.92 -27.24 9.45
N LEU B 61 -18.18 -27.47 10.54
CA LEU B 61 -17.52 -26.39 11.25
C LEU B 61 -16.49 -25.73 10.35
N ARG B 62 -15.66 -26.54 9.69
CA ARG B 62 -14.66 -26.01 8.78
C ARG B 62 -15.28 -25.14 7.67
N GLU B 63 -16.38 -25.62 7.10
CA GLU B 63 -17.04 -24.91 6.01
C GLU B 63 -17.65 -23.58 6.43
N GLU B 64 -18.23 -23.54 7.63
CA GLU B 64 -18.81 -22.31 8.14
C GLU B 64 -17.78 -21.30 8.63
N ILE B 65 -16.59 -21.78 8.97
CA ILE B 65 -15.50 -20.90 9.39
C ILE B 65 -14.91 -20.18 8.18
N VAL B 66 -14.75 -20.92 7.08
CA VAL B 66 -14.20 -20.36 5.86
C VAL B 66 -15.20 -19.38 5.26
N ASN B 67 -16.48 -19.74 5.25
CA ASN B 67 -17.52 -18.85 4.76
C ASN B 67 -17.59 -17.56 5.56
N PHE B 68 -17.34 -17.64 6.86
CA PHE B 68 -17.36 -16.45 7.69
C PHE B 68 -16.11 -15.62 7.47
N ASN B 69 -14.95 -16.25 7.54
CA ASN B 69 -13.68 -15.55 7.33
C ASN B 69 -13.54 -14.91 5.96
N CYS B 70 -14.27 -15.44 4.98
CA CYS B 70 -14.20 -14.94 3.60
C CYS B 70 -15.44 -14.20 3.11
N ARG B 71 -16.33 -13.81 4.02
CA ARG B 71 -17.56 -13.14 3.63
C ARG B 71 -17.33 -11.81 2.90
N LYS B 72 -16.21 -11.16 3.21
CA LYS B 72 -15.86 -9.90 2.57
C LYS B 72 -15.42 -10.12 1.13
N LEU B 73 -14.67 -11.19 0.92
CA LEU B 73 -14.18 -11.53 -0.42
C LEU B 73 -15.36 -11.98 -1.29
N VAL B 74 -16.23 -12.80 -0.72
CA VAL B 74 -17.40 -13.29 -1.42
C VAL B 74 -18.33 -12.15 -1.81
N ALA B 75 -18.48 -11.18 -0.90
CA ALA B 75 -19.33 -10.03 -1.14
C ALA B 75 -18.86 -9.17 -2.31
N SER B 76 -17.55 -9.11 -2.51
CA SER B 76 -16.97 -8.30 -3.58
C SER B 76 -16.90 -9.07 -4.89
N MET B 77 -16.90 -10.40 -4.80
CA MET B 77 -16.77 -11.26 -5.98
C MET B 77 -18.01 -11.44 -6.81
N PRO B 78 -17.98 -10.96 -8.06
CA PRO B 78 -19.08 -11.13 -9.01
C PRO B 78 -19.21 -12.59 -9.42
N LEU B 79 -18.11 -13.34 -9.34
CA LEU B 79 -18.14 -14.75 -9.66
C LEU B 79 -19.25 -15.39 -8.83
N PHE B 80 -19.34 -14.98 -7.57
CA PHE B 80 -20.37 -15.48 -6.68
C PHE B 80 -21.61 -14.58 -6.75
N ALA B 81 -21.72 -13.82 -7.84
CA ALA B 81 -22.85 -12.93 -8.05
C ALA B 81 -24.13 -13.54 -7.50
N ASN B 82 -24.68 -14.50 -8.25
CA ASN B 82 -25.88 -15.21 -7.82
C ASN B 82 -25.64 -16.70 -7.95
N ALA B 83 -24.51 -17.14 -7.40
CA ALA B 83 -24.10 -18.54 -7.49
C ALA B 83 -24.62 -19.45 -6.38
N ASP B 84 -24.49 -20.75 -6.62
CA ASP B 84 -24.89 -21.77 -5.65
C ASP B 84 -23.93 -21.68 -4.47
N PRO B 85 -24.48 -21.59 -3.24
CA PRO B 85 -23.68 -21.46 -2.02
C PRO B 85 -22.72 -22.63 -1.82
N ASN B 86 -23.07 -23.79 -2.35
CA ASN B 86 -22.20 -24.96 -2.24
C ASN B 86 -21.02 -24.81 -3.19
N PHE B 87 -21.24 -24.10 -4.28
CA PHE B 87 -20.17 -23.80 -5.22
C PHE B 87 -19.21 -22.83 -4.54
N VAL B 88 -19.78 -21.87 -3.80
CA VAL B 88 -18.98 -20.91 -3.06
C VAL B 88 -18.12 -21.64 -2.05
N THR B 89 -18.75 -22.48 -1.24
CA THR B 89 -18.05 -23.26 -0.23
C THR B 89 -16.98 -24.15 -0.85
N ALA B 90 -17.32 -24.84 -1.94
CA ALA B 90 -16.37 -25.71 -2.63
C ALA B 90 -15.15 -24.91 -3.08
N MET B 91 -15.39 -23.66 -3.47
CA MET B 91 -14.30 -22.78 -3.90
C MET B 91 -13.49 -22.27 -2.71
N LEU B 92 -14.16 -21.68 -1.74
CA LEU B 92 -13.50 -21.15 -0.54
C LEU B 92 -12.61 -22.14 0.19
N THR B 93 -13.10 -23.36 0.39
CA THR B 93 -12.35 -24.39 1.10
C THR B 93 -11.04 -24.79 0.43
N LYS B 94 -10.91 -24.49 -0.86
CA LYS B 94 -9.71 -24.86 -1.59
C LYS B 94 -8.75 -23.69 -1.86
N LEU B 95 -9.13 -22.51 -1.38
CA LEU B 95 -8.32 -21.31 -1.57
C LEU B 95 -7.21 -21.14 -0.53
N LYS B 96 -6.07 -20.60 -0.96
CA LYS B 96 -4.95 -20.38 -0.07
C LYS B 96 -4.70 -18.88 0.06
N PHE B 97 -4.64 -18.41 1.31
CA PHE B 97 -4.41 -16.98 1.56
C PHE B 97 -2.96 -16.60 1.40
N GLU B 98 -2.70 -15.51 0.68
CA GLU B 98 -1.34 -15.05 0.45
C GLU B 98 -1.26 -13.53 0.45
N VAL B 99 -0.12 -12.99 0.90
CA VAL B 99 0.10 -11.55 0.91
C VAL B 99 1.29 -11.20 0.02
N PHE B 100 1.09 -10.24 -0.87
CA PHE B 100 2.15 -9.78 -1.76
C PHE B 100 2.50 -8.31 -1.49
N GLN B 101 3.77 -8.00 -1.69
CA GLN B 101 4.27 -6.64 -1.47
C GLN B 101 4.38 -5.85 -2.76
N PRO B 102 4.35 -4.51 -2.65
CA PRO B 102 4.45 -3.63 -3.81
C PRO B 102 5.71 -3.94 -4.62
N GLY B 103 5.55 -4.15 -5.92
CA GLY B 103 6.68 -4.46 -6.79
C GLY B 103 6.84 -5.94 -7.06
N ASP B 104 6.22 -6.78 -6.24
CA ASP B 104 6.31 -8.22 -6.41
C ASP B 104 5.73 -8.72 -7.73
N TYR B 105 6.35 -9.76 -8.28
CA TYR B 105 5.87 -10.37 -9.50
C TYR B 105 5.06 -11.60 -9.12
N ILE B 106 3.73 -11.45 -9.11
CA ILE B 106 2.84 -12.53 -8.75
C ILE B 106 2.84 -13.58 -9.86
N ILE B 107 2.87 -13.10 -11.10
CA ILE B 107 2.88 -13.97 -12.28
C ILE B 107 3.87 -13.42 -13.30
N ARG B 108 4.62 -14.31 -13.93
CA ARG B 108 5.58 -13.92 -14.96
C ARG B 108 5.16 -14.49 -16.31
N GLU B 109 5.01 -13.60 -17.29
CA GLU B 109 4.59 -14.00 -18.63
C GLU B 109 5.51 -15.06 -19.23
N GLY B 110 4.93 -15.99 -19.99
CA GLY B 110 5.69 -17.03 -20.64
C GLY B 110 6.01 -18.26 -19.82
N THR B 111 5.70 -18.21 -18.52
CA THR B 111 5.97 -19.34 -17.64
C THR B 111 4.75 -20.26 -17.54
N ILE B 112 4.99 -21.47 -17.05
CA ILE B 112 3.91 -22.43 -16.87
C ILE B 112 3.11 -22.01 -15.63
N GLY B 113 1.80 -21.84 -15.81
CA GLY B 113 0.93 -21.42 -14.71
C GLY B 113 0.31 -22.60 -14.00
N LYS B 114 0.38 -22.60 -12.68
CA LYS B 114 -0.17 -23.70 -11.89
C LYS B 114 -1.18 -23.22 -10.86
N LYS B 115 -1.60 -21.97 -10.97
CA LYS B 115 -2.54 -21.39 -10.01
C LYS B 115 -3.05 -20.02 -10.44
N MET B 116 -4.25 -19.67 -9.98
CA MET B 116 -4.83 -18.36 -10.27
C MET B 116 -5.03 -17.59 -8.98
N TYR B 117 -5.48 -16.35 -9.08
CA TYR B 117 -5.64 -15.51 -7.89
C TYR B 117 -6.94 -14.71 -7.84
N PHE B 118 -7.47 -14.57 -6.63
CA PHE B 118 -8.67 -13.80 -6.38
C PHE B 118 -8.27 -12.65 -5.47
N ILE B 119 -8.64 -11.43 -5.84
CA ILE B 119 -8.26 -10.25 -5.09
C ILE B 119 -9.23 -9.89 -3.96
N GLN B 120 -8.75 -9.98 -2.73
CA GLN B 120 -9.54 -9.62 -1.57
C GLN B 120 -9.33 -8.14 -1.27
N HIS B 121 -8.09 -7.69 -1.37
CA HIS B 121 -7.77 -6.28 -1.16
C HIS B 121 -6.40 -5.92 -1.75
N GLY B 122 -6.40 -4.91 -2.62
CA GLY B 122 -5.17 -4.45 -3.26
C GLY B 122 -5.35 -4.15 -4.74
N VAL B 123 -4.26 -3.76 -5.39
CA VAL B 123 -4.28 -3.43 -6.81
C VAL B 123 -3.10 -4.08 -7.53
N VAL B 124 -3.37 -4.71 -8.67
CA VAL B 124 -2.32 -5.36 -9.45
C VAL B 124 -2.26 -4.81 -10.87
N SER B 125 -1.07 -4.85 -11.47
CA SER B 125 -0.89 -4.39 -12.84
C SER B 125 -0.70 -5.59 -13.76
N VAL B 126 -1.65 -5.79 -14.66
CA VAL B 126 -1.57 -6.88 -15.63
C VAL B 126 -0.83 -6.37 -16.87
N LEU B 127 0.36 -6.91 -17.11
CA LEU B 127 1.19 -6.46 -18.23
C LEU B 127 1.57 -7.54 -19.24
N THR B 128 1.27 -7.28 -20.51
CA THR B 128 1.60 -8.21 -21.59
C THR B 128 2.20 -7.46 -22.78
N LYS B 132 -0.81 -2.55 -23.40
CA LYS B 132 -1.07 -1.49 -22.43
C LYS B 132 -1.32 -2.08 -21.04
N GLU B 133 -0.85 -1.37 -20.03
CA GLU B 133 -1.01 -1.80 -18.64
C GLU B 133 -2.48 -1.81 -18.22
N MET B 134 -2.93 -2.95 -17.70
CA MET B 134 -4.30 -3.06 -17.20
C MET B 134 -4.22 -3.10 -15.67
N LYS B 135 -5.32 -2.75 -15.01
CA LYS B 135 -5.31 -2.70 -13.56
C LYS B 135 -6.52 -3.40 -12.96
N LEU B 136 -6.28 -4.26 -11.98
CA LEU B 136 -7.35 -5.02 -11.32
C LEU B 136 -7.30 -4.81 -9.81
N SER B 137 -8.48 -4.77 -9.18
CA SER B 137 -8.58 -4.59 -7.75
C SER B 137 -9.59 -5.53 -7.10
N ASP B 138 -9.93 -5.24 -5.85
CA ASP B 138 -10.88 -6.05 -5.09
C ASP B 138 -12.01 -6.64 -5.93
N GLY B 139 -12.32 -7.91 -5.70
CA GLY B 139 -13.42 -8.56 -6.40
C GLY B 139 -13.03 -9.31 -7.66
N SER B 140 -12.01 -8.82 -8.35
CA SER B 140 -11.56 -9.45 -9.59
C SER B 140 -10.55 -10.57 -9.37
N TYR B 141 -10.45 -11.46 -10.36
CA TYR B 141 -9.48 -12.54 -10.32
C TYR B 141 -8.65 -12.51 -11.60
N PHE B 142 -7.51 -13.19 -11.57
CA PHE B 142 -6.63 -13.23 -12.74
C PHE B 142 -5.78 -14.48 -12.73
N GLY B 143 -5.22 -14.81 -13.89
CA GLY B 143 -4.38 -16.00 -14.03
C GLY B 143 -5.18 -17.26 -14.32
N GLU B 144 -6.42 -17.09 -14.80
CA GLU B 144 -7.28 -18.23 -15.09
C GLU B 144 -7.10 -18.76 -16.50
N ILE B 145 -6.64 -17.89 -17.41
CA ILE B 145 -6.47 -18.28 -18.80
C ILE B 145 -5.69 -19.58 -18.96
N CYS B 146 -4.41 -19.57 -18.59
CA CYS B 146 -3.59 -20.77 -18.73
C CYS B 146 -4.20 -21.99 -18.04
N LEU B 147 -4.99 -21.74 -16.99
CA LEU B 147 -5.67 -22.84 -16.31
C LEU B 147 -6.73 -23.48 -17.20
N LEU B 148 -7.32 -22.68 -18.08
CA LEU B 148 -8.34 -23.15 -19.01
C LEU B 148 -7.72 -23.73 -20.26
N THR B 149 -6.72 -23.02 -20.80
CA THR B 149 -6.06 -23.43 -22.03
C THR B 149 -4.89 -24.38 -21.79
N ARG B 150 -4.31 -24.28 -20.60
CA ARG B 150 -3.15 -25.12 -20.25
C ARG B 150 -1.90 -24.62 -20.96
N GLY B 151 -1.97 -23.41 -21.50
CA GLY B 151 -0.82 -22.81 -22.18
C GLY B 151 0.08 -22.12 -21.18
N ARG B 152 0.79 -21.09 -21.63
CA ARG B 152 1.67 -20.33 -20.77
C ARG B 152 1.03 -19.02 -20.32
N ARG B 153 1.57 -18.42 -19.25
CA ARG B 153 1.05 -17.16 -18.74
C ARG B 153 0.94 -16.13 -19.87
N THR B 154 -0.25 -15.59 -20.05
CA THR B 154 -0.48 -14.61 -21.10
C THR B 154 0.02 -13.22 -20.75
N ALA B 155 0.38 -13.02 -19.48
CA ALA B 155 0.87 -11.72 -19.03
C ALA B 155 1.58 -11.81 -17.69
N SER B 156 2.21 -10.71 -17.28
CA SER B 156 2.87 -10.63 -16.00
C SER B 156 1.97 -9.81 -15.08
N VAL B 157 1.79 -10.29 -13.85
CA VAL B 157 0.98 -9.55 -12.88
C VAL B 157 1.87 -9.10 -11.73
N ARG B 158 2.20 -7.81 -11.75
CA ARG B 158 3.07 -7.19 -10.76
C ARG B 158 2.20 -6.53 -9.69
N ALA B 159 2.56 -6.73 -8.43
CA ALA B 159 1.81 -6.14 -7.33
C ALA B 159 2.05 -4.64 -7.24
N ASP B 160 0.97 -3.86 -7.28
CA ASP B 160 1.09 -2.41 -7.21
C ASP B 160 1.14 -1.97 -5.75
N THR B 161 0.12 -2.34 -4.98
CA THR B 161 0.06 -2.02 -3.57
C THR B 161 0.10 -3.33 -2.80
N TYR B 162 0.13 -3.26 -1.47
CA TYR B 162 0.04 -4.48 -0.69
C TYR B 162 -1.20 -5.22 -1.15
N CYS B 163 -1.03 -6.49 -1.53
CA CYS B 163 -2.14 -7.29 -2.03
C CYS B 163 -2.46 -8.47 -1.13
N ARG B 164 -3.71 -8.55 -0.70
CA ARG B 164 -4.18 -9.68 0.10
C ARG B 164 -4.96 -10.53 -0.90
N LEU B 165 -4.36 -11.66 -1.30
CA LEU B 165 -4.95 -12.51 -2.31
C LEU B 165 -5.23 -13.93 -1.84
N TYR B 166 -6.07 -14.64 -2.58
CA TYR B 166 -6.39 -16.03 -2.33
C TYR B 166 -6.09 -16.77 -3.63
N SER B 167 -5.13 -17.69 -3.60
CA SER B 167 -4.79 -18.44 -4.80
C SER B 167 -5.53 -19.76 -4.88
N LEU B 168 -5.61 -20.29 -6.10
CA LEU B 168 -6.29 -21.55 -6.36
C LEU B 168 -5.43 -22.34 -7.35
N SER B 169 -4.97 -23.51 -6.93
CA SER B 169 -4.14 -24.36 -7.77
C SER B 169 -4.95 -24.91 -8.94
N VAL B 170 -4.25 -25.34 -9.99
CA VAL B 170 -4.91 -25.90 -11.16
C VAL B 170 -5.67 -27.17 -10.81
N ASP B 171 -5.10 -28.00 -9.96
CA ASP B 171 -5.76 -29.22 -9.51
C ASP B 171 -7.11 -28.90 -8.85
N ASN B 172 -7.08 -28.04 -7.84
CA ASN B 172 -8.31 -27.66 -7.15
C ASN B 172 -9.30 -26.96 -8.06
N PHE B 173 -8.78 -26.16 -8.99
CA PHE B 173 -9.61 -25.46 -9.97
C PHE B 173 -10.41 -26.48 -10.77
N ASN B 174 -9.71 -27.47 -11.32
CA ASN B 174 -10.35 -28.53 -12.09
C ASN B 174 -11.27 -29.43 -11.27
N GLU B 175 -10.90 -29.68 -10.02
CA GLU B 175 -11.71 -30.50 -9.14
C GLU B 175 -13.05 -29.83 -8.83
N VAL B 176 -13.03 -28.52 -8.64
CA VAL B 176 -14.24 -27.76 -8.35
C VAL B 176 -15.12 -27.71 -9.60
N LEU B 177 -14.47 -27.63 -10.76
CA LEU B 177 -15.20 -27.58 -12.02
C LEU B 177 -15.78 -28.92 -12.47
N GLU B 178 -15.22 -30.02 -11.97
CA GLU B 178 -15.80 -31.32 -12.32
C GLU B 178 -17.07 -31.47 -11.50
N GLU B 179 -17.13 -30.74 -10.39
CA GLU B 179 -18.31 -30.79 -9.52
C GLU B 179 -19.34 -29.73 -9.91
N TYR B 180 -18.88 -28.61 -10.43
CA TYR B 180 -19.76 -27.54 -10.92
C TYR B 180 -19.29 -27.12 -12.31
N PRO B 181 -19.49 -28.02 -13.29
CA PRO B 181 -19.08 -27.90 -14.69
C PRO B 181 -19.54 -26.62 -15.39
N MET B 182 -20.80 -26.26 -15.22
CA MET B 182 -21.35 -25.08 -15.89
C MET B 182 -20.79 -23.76 -15.36
N MET B 183 -20.15 -23.81 -14.19
CA MET B 183 -19.55 -22.61 -13.61
C MET B 183 -18.25 -22.28 -14.34
N ARG B 184 -17.88 -23.13 -15.28
CA ARG B 184 -16.67 -22.94 -16.06
C ARG B 184 -16.82 -21.80 -17.05
N ARG B 185 -18.06 -21.54 -17.46
CA ARG B 185 -18.33 -20.49 -18.44
C ARG B 185 -17.95 -19.12 -17.87
N ALA B 186 -18.23 -18.91 -16.59
CA ALA B 186 -17.93 -17.64 -15.95
C ALA B 186 -16.45 -17.29 -16.15
N PHE B 187 -15.57 -18.26 -15.89
CA PHE B 187 -14.14 -18.04 -16.06
C PHE B 187 -13.80 -17.84 -17.53
N GLU B 188 -14.44 -18.60 -18.40
CA GLU B 188 -14.20 -18.50 -19.84
C GLU B 188 -14.55 -17.13 -20.40
N THR B 189 -15.55 -16.49 -19.83
CA THR B 189 -15.97 -15.17 -20.30
C THR B 189 -14.93 -14.07 -20.06
N VAL B 190 -14.35 -14.01 -18.87
CA VAL B 190 -13.35 -13.00 -18.58
C VAL B 190 -12.17 -13.15 -19.55
N ALA B 191 -12.07 -14.31 -20.17
CA ALA B 191 -11.01 -14.58 -21.14
C ALA B 191 -11.55 -15.22 -22.41
#